data_8RB7
#
_entry.id   8RB7
#
_entity_poly.entity_id   1
_entity_poly.type   'polypeptide(L)'
_entity_poly.pdbx_seq_one_letter_code
;LLPVKYCKMRIFSGSTAAAPEEEPFEVWLEQATEIAKEWPIPEAEKKRWVAESLRGPALDLMHIVQADNPSISVGECLEA
FKQVFGSTESRRTSQVKYLRTYQQEGEKISAYVLRLETLLRRAVEKRAIPRNIADQVRLEQVMAGANLGNVLWCRLQELK
DQGPLPTFLQLMKVIREEEE
;
_entity_poly.pdbx_strand_id   A,B
#
# COMPACT_ATOMS: atom_id res chain seq x y z
N LEU A 1 21.59 -27.75 -46.59
CA LEU A 1 20.78 -28.68 -47.39
C LEU A 1 19.28 -28.34 -47.36
N LEU A 2 18.83 -27.68 -46.30
CA LEU A 2 17.45 -27.21 -46.07
C LEU A 2 17.47 -26.05 -45.05
N PRO A 3 16.43 -25.21 -44.96
CA PRO A 3 16.36 -24.13 -43.97
C PRO A 3 16.23 -24.69 -42.56
N VAL A 4 16.97 -24.10 -41.61
CA VAL A 4 16.86 -24.45 -40.19
C VAL A 4 16.21 -23.30 -39.41
N LYS A 5 15.15 -23.59 -38.67
CA LYS A 5 14.45 -22.57 -37.86
C LYS A 5 15.40 -22.07 -36.77
N TYR A 6 15.86 -20.82 -36.89
CA TYR A 6 16.84 -20.26 -35.91
C TYR A 6 16.11 -19.63 -34.73
N CYS A 7 16.82 -18.95 -33.83
CA CYS A 7 16.23 -18.27 -32.66
C CYS A 7 17.11 -17.09 -32.26
N LYS A 8 16.51 -15.94 -31.97
CA LYS A 8 17.26 -14.71 -31.67
C LYS A 8 17.76 -14.69 -30.22
N MET A 9 19.02 -14.32 -30.01
CA MET A 9 19.62 -14.18 -28.68
C MET A 9 18.97 -13.00 -27.94
N ARG A 10 18.76 -13.09 -26.62
CA ARG A 10 18.22 -11.95 -25.86
C ARG A 10 19.35 -11.02 -25.44
N ILE A 11 19.60 -9.95 -26.19
CA ILE A 11 20.68 -9.01 -25.87
C ILE A 11 20.31 -8.13 -24.68
N PHE A 12 21.30 -7.81 -23.85
CA PHE A 12 21.19 -6.88 -22.73
C PHE A 12 22.36 -5.91 -22.70
N SER A 13 22.12 -4.71 -22.16
CA SER A 13 23.12 -3.64 -22.19
C SER A 13 23.25 -2.81 -20.92
N GLY A 14 22.24 -2.76 -20.05
CA GLY A 14 22.32 -2.07 -18.78
C GLY A 14 22.16 -0.55 -18.84
N SER A 15 22.26 0.06 -20.03
CA SER A 15 21.95 1.48 -20.22
C SER A 15 20.48 1.81 -19.90
N THR A 16 20.22 3.03 -19.42
CA THR A 16 18.86 3.60 -19.39
C THR A 16 18.37 3.92 -20.81
N ALA A 17 19.26 4.39 -21.69
CA ALA A 17 19.04 4.59 -23.12
C ALA A 17 19.01 3.29 -23.94
N ALA A 18 18.35 2.24 -23.44
CA ALA A 18 18.28 0.92 -24.08
C ALA A 18 17.61 0.97 -25.46
N ALA A 19 18.20 0.27 -26.44
CA ALA A 19 17.67 0.19 -27.80
C ALA A 19 16.41 -0.71 -27.88
N PRO A 20 15.60 -0.64 -28.95
CA PRO A 20 14.28 -1.27 -28.97
C PRO A 20 14.27 -2.79 -28.85
N GLU A 21 15.35 -3.47 -29.25
CA GLU A 21 15.49 -4.93 -29.17
C GLU A 21 16.20 -5.45 -27.90
N GLU A 22 16.60 -4.57 -26.98
CA GLU A 22 17.30 -4.92 -25.75
C GLU A 22 16.32 -5.15 -24.60
N GLU A 23 16.49 -6.25 -23.86
CA GLU A 23 15.53 -6.68 -22.86
C GLU A 23 15.70 -5.97 -21.51
N PRO A 24 14.68 -5.92 -20.64
CA PRO A 24 14.89 -5.65 -19.23
C PRO A 24 15.74 -6.75 -18.57
N PHE A 25 16.51 -6.40 -17.54
CA PHE A 25 17.50 -7.30 -16.96
C PHE A 25 16.92 -8.64 -16.49
N GLU A 26 15.75 -8.68 -15.87
CA GLU A 26 15.19 -9.93 -15.30
C GLU A 26 15.03 -11.02 -16.36
N VAL A 27 14.65 -10.63 -17.58
CA VAL A 27 14.51 -11.50 -18.74
C VAL A 27 15.87 -11.99 -19.22
N TRP A 28 16.87 -11.11 -19.27
CA TRP A 28 18.23 -11.53 -19.59
C TRP A 28 18.79 -12.48 -18.55
N LEU A 29 18.59 -12.24 -17.26
CA LEU A 29 19.11 -13.11 -16.23
C LEU A 29 18.50 -14.51 -16.32
N GLU A 30 17.26 -14.64 -16.75
CA GLU A 30 16.66 -15.94 -17.02
C GLU A 30 17.40 -16.67 -18.16
N GLN A 31 17.76 -15.97 -19.23
CA GLN A 31 18.59 -16.57 -20.29
C GLN A 31 19.99 -16.93 -19.79
N ALA A 32 20.65 -16.03 -19.07
CA ALA A 32 22.00 -16.26 -18.63
C ALA A 32 22.09 -17.40 -17.60
N THR A 33 21.13 -17.53 -16.70
CA THR A 33 21.06 -18.66 -15.78
C THR A 33 20.80 -19.98 -16.50
N GLU A 34 20.04 -20.01 -17.59
CA GLU A 34 19.94 -21.21 -18.42
C GLU A 34 21.31 -21.60 -19.00
N ILE A 35 22.07 -20.65 -19.55
CA ILE A 35 23.43 -20.90 -20.06
C ILE A 35 24.36 -21.37 -18.93
N ALA A 36 24.22 -20.80 -17.74
CA ALA A 36 25.05 -21.15 -16.60
C ALA A 36 24.78 -22.57 -16.08
N LYS A 37 23.50 -22.91 -15.85
CA LYS A 37 23.11 -24.14 -15.15
C LYS A 37 22.79 -25.32 -16.06
N GLU A 38 22.20 -25.08 -17.23
CA GLU A 38 21.50 -26.12 -17.98
C GLU A 38 22.21 -26.58 -19.25
N TRP A 39 22.94 -25.69 -19.94
CA TRP A 39 23.61 -26.07 -21.18
C TRP A 39 24.74 -27.10 -20.93
N PRO A 40 24.97 -28.03 -21.88
CA PRO A 40 25.97 -29.10 -21.72
C PRO A 40 27.43 -28.62 -21.92
N ILE A 41 27.60 -27.43 -22.49
CA ILE A 41 28.86 -26.91 -23.02
C ILE A 41 29.89 -26.62 -21.90
N PRO A 42 31.21 -26.71 -22.15
CA PRO A 42 32.25 -26.44 -21.15
C PRO A 42 32.23 -24.99 -20.63
N GLU A 43 32.67 -24.75 -19.39
CA GLU A 43 32.49 -23.44 -18.75
C GLU A 43 33.22 -22.29 -19.45
N ALA A 44 34.38 -22.54 -20.06
CA ALA A 44 35.08 -21.56 -20.88
C ALA A 44 34.23 -21.08 -22.07
N GLU A 45 33.41 -21.97 -22.64
CA GLU A 45 32.45 -21.63 -23.69
C GLU A 45 31.15 -21.06 -23.12
N LYS A 46 30.72 -21.43 -21.90
CA LYS A 46 29.61 -20.73 -21.22
C LYS A 46 29.89 -19.24 -21.10
N LYS A 47 31.08 -18.85 -20.62
CA LYS A 47 31.48 -17.43 -20.54
C LYS A 47 31.34 -16.74 -21.89
N ARG A 48 31.81 -17.38 -22.95
CA ARG A 48 31.72 -16.89 -24.32
C ARG A 48 30.26 -16.65 -24.74
N TRP A 49 29.38 -17.61 -24.47
CA TRP A 49 27.96 -17.51 -24.80
C TRP A 49 27.19 -16.50 -23.94
N VAL A 50 27.58 -16.29 -22.68
CA VAL A 50 27.06 -15.19 -21.87
C VAL A 50 27.51 -13.86 -22.47
N ALA A 51 28.81 -13.66 -22.68
CA ALA A 51 29.35 -12.40 -23.16
C ALA A 51 28.83 -12.01 -24.53
N GLU A 52 28.59 -12.97 -25.43
CA GLU A 52 28.03 -12.67 -26.76
C GLU A 52 26.56 -12.24 -26.75
N SER A 53 25.90 -12.20 -25.59
CA SER A 53 24.60 -11.53 -25.42
C SER A 53 24.72 -10.11 -24.86
N LEU A 54 25.88 -9.70 -24.36
CA LEU A 54 26.09 -8.40 -23.73
C LEU A 54 26.62 -7.35 -24.71
N ARG A 55 26.26 -6.10 -24.49
CA ARG A 55 26.69 -4.93 -25.26
C ARG A 55 26.78 -3.70 -24.36
N GLY A 56 27.67 -2.76 -24.60
CA GLY A 56 27.72 -1.52 -23.79
C GLY A 56 28.06 -1.76 -22.31
N PRO A 57 27.50 -0.99 -21.35
CA PRO A 57 27.88 -1.05 -19.94
C PRO A 57 27.87 -2.44 -19.32
N ALA A 58 26.89 -3.28 -19.67
CA ALA A 58 26.86 -4.64 -19.16
C ALA A 58 28.04 -5.48 -19.67
N LEU A 59 28.50 -5.29 -20.91
CA LEU A 59 29.70 -5.97 -21.40
C LEU A 59 30.93 -5.47 -20.66
N ASP A 60 31.01 -4.18 -20.37
CA ASP A 60 32.10 -3.62 -19.60
C ASP A 60 32.20 -4.25 -18.20
N LEU A 61 31.07 -4.50 -17.54
CA LEU A 61 31.07 -5.24 -16.28
C LEU A 61 31.61 -6.65 -16.45
N MET A 62 31.26 -7.36 -17.52
CA MET A 62 31.80 -8.71 -17.73
C MET A 62 33.32 -8.68 -17.84
N HIS A 63 33.88 -7.72 -18.58
CA HIS A 63 35.33 -7.56 -18.70
C HIS A 63 35.98 -7.26 -17.35
N ILE A 64 35.42 -6.34 -16.57
CA ILE A 64 35.94 -5.99 -15.25
C ILE A 64 35.99 -7.22 -14.34
N VAL A 65 34.89 -7.95 -14.26
CA VAL A 65 34.77 -9.10 -13.38
C VAL A 65 35.75 -10.19 -13.77
N GLN A 66 35.89 -10.51 -15.05
CA GLN A 66 36.88 -11.49 -15.49
C GLN A 66 38.31 -11.05 -15.21
N ALA A 67 38.63 -9.78 -15.44
CA ALA A 67 39.98 -9.27 -15.25
C ALA A 67 40.44 -9.34 -13.78
N ASP A 68 39.53 -9.18 -12.82
CA ASP A 68 39.85 -9.37 -11.41
C ASP A 68 40.11 -10.83 -11.03
N ASN A 69 39.45 -11.79 -11.69
CA ASN A 69 39.63 -13.21 -11.40
C ASN A 69 39.30 -14.08 -12.63
N PRO A 70 40.28 -14.48 -13.45
CA PRO A 70 40.05 -15.32 -14.62
C PRO A 70 39.44 -16.69 -14.28
N SER A 71 39.63 -17.19 -13.05
CA SER A 71 39.07 -18.47 -12.58
C SER A 71 37.59 -18.40 -12.14
N ILE A 72 36.97 -17.21 -12.12
CA ILE A 72 35.60 -17.03 -11.63
C ILE A 72 34.60 -17.95 -12.36
N SER A 73 33.64 -18.54 -11.66
CA SER A 73 32.58 -19.33 -12.28
C SER A 73 31.54 -18.44 -12.95
N VAL A 74 30.83 -18.97 -13.96
CA VAL A 74 29.72 -18.22 -14.57
C VAL A 74 28.64 -17.92 -13.53
N GLY A 75 28.41 -18.82 -12.57
CA GLY A 75 27.50 -18.55 -11.45
C GLY A 75 27.91 -17.30 -10.66
N GLU A 76 29.18 -17.17 -10.28
CA GLU A 76 29.67 -15.98 -9.57
C GLU A 76 29.65 -14.72 -10.45
N CYS A 77 29.84 -14.84 -11.78
CA CYS A 77 29.59 -13.73 -12.67
C CYS A 77 28.14 -13.25 -12.57
N LEU A 78 27.17 -14.16 -12.65
CA LEU A 78 25.77 -13.76 -12.56
C LEU A 78 25.43 -13.18 -11.19
N GLU A 79 26.06 -13.64 -10.11
CA GLU A 79 25.94 -12.96 -8.81
C GLU A 79 26.44 -11.52 -8.87
N ALA A 80 27.55 -11.22 -9.56
CA ALA A 80 27.96 -9.84 -9.77
C ALA A 80 26.92 -9.05 -10.58
N PHE A 81 26.38 -9.61 -11.66
CA PHE A 81 25.34 -8.93 -12.44
C PHE A 81 24.08 -8.65 -11.61
N LYS A 82 23.60 -9.61 -10.81
CA LYS A 82 22.49 -9.39 -9.85
C LYS A 82 22.82 -8.24 -8.91
N GLN A 83 24.02 -8.27 -8.33
CA GLN A 83 24.49 -7.29 -7.35
C GLN A 83 24.59 -5.87 -7.92
N VAL A 84 24.87 -5.71 -9.21
CA VAL A 84 24.85 -4.41 -9.89
C VAL A 84 23.47 -4.02 -10.42
N PHE A 85 22.89 -4.82 -11.31
CA PHE A 85 21.73 -4.45 -12.11
C PHE A 85 20.38 -4.92 -11.55
N GLY A 86 20.36 -5.84 -10.60
CA GLY A 86 19.13 -6.40 -10.02
C GLY A 86 18.24 -5.34 -9.35
N SER A 87 16.93 -5.56 -9.36
CA SER A 87 15.97 -4.56 -8.86
C SER A 87 16.08 -4.37 -7.35
N THR A 88 16.07 -3.11 -6.91
CA THR A 88 16.44 -2.67 -5.55
C THR A 88 15.27 -2.59 -4.56
N GLU A 89 14.03 -2.87 -4.99
CA GLU A 89 12.82 -2.49 -4.28
C GLU A 89 12.58 -3.19 -2.93
N SER A 90 11.66 -2.64 -2.15
CA SER A 90 11.36 -2.91 -0.75
C SER A 90 9.85 -2.71 -0.47
N ARG A 91 9.34 -3.06 0.71
CA ARG A 91 7.91 -2.90 1.03
C ARG A 91 7.38 -1.51 0.68
N ARG A 92 7.85 -0.43 1.32
CA ARG A 92 7.39 0.93 1.03
C ARG A 92 7.48 1.29 -0.46
N THR A 93 8.58 1.01 -1.14
CA THR A 93 8.81 1.45 -2.53
C THR A 93 7.96 0.69 -3.54
N SER A 94 7.76 -0.60 -3.35
CA SER A 94 6.94 -1.43 -4.24
C SER A 94 5.46 -1.06 -4.14
N GLN A 95 4.94 -0.84 -2.96
CA GLN A 95 3.58 -0.39 -2.66
C GLN A 95 3.32 0.96 -3.31
N VAL A 96 4.26 1.90 -3.18
CA VAL A 96 4.15 3.22 -3.79
C VAL A 96 4.17 3.12 -5.31
N LYS A 97 5.16 2.48 -5.92
CA LYS A 97 5.23 2.40 -7.40
C LYS A 97 4.02 1.72 -8.01
N TYR A 98 3.45 0.72 -7.35
CA TYR A 98 2.21 0.11 -7.78
C TYR A 98 1.05 1.10 -7.71
N LEU A 99 0.78 1.72 -6.57
CA LEU A 99 -0.36 2.62 -6.39
C LEU A 99 -0.23 3.90 -7.21
N ARG A 100 0.98 4.41 -7.41
CA ARG A 100 1.28 5.62 -8.19
C ARG A 100 1.15 5.41 -9.70
N THR A 101 1.04 4.16 -10.18
CA THR A 101 0.98 3.85 -11.62
C THR A 101 -0.42 4.09 -12.20
N TYR A 102 -0.61 5.24 -12.83
CA TYR A 102 -1.83 5.61 -13.57
C TYR A 102 -1.80 5.09 -15.01
N GLN A 103 -2.95 5.00 -15.68
CA GLN A 103 -3.03 4.70 -17.11
C GLN A 103 -2.42 5.83 -17.94
N GLN A 104 -1.55 5.50 -18.88
CA GLN A 104 -0.94 6.47 -19.78
C GLN A 104 -1.87 6.80 -20.96
N GLU A 105 -1.70 7.96 -21.60
CA GLU A 105 -2.61 8.49 -22.62
C GLU A 105 -2.85 7.54 -23.81
N GLY A 106 -1.83 6.79 -24.21
CA GLY A 106 -1.91 5.84 -25.33
C GLY A 106 -2.47 4.45 -24.96
N GLU A 107 -2.54 4.10 -23.68
CA GLU A 107 -2.93 2.74 -23.28
C GLU A 107 -4.45 2.54 -23.43
N LYS A 108 -4.86 1.45 -24.08
CA LYS A 108 -6.19 0.87 -23.88
C LYS A 108 -6.28 0.24 -22.49
N ILE A 109 -7.45 0.21 -21.88
CA ILE A 109 -7.63 -0.29 -20.50
C ILE A 109 -7.13 -1.75 -20.33
N SER A 110 -7.38 -2.62 -21.30
CA SER A 110 -6.89 -4.01 -21.30
C SER A 110 -5.36 -4.12 -21.30
N ALA A 111 -4.67 -3.21 -21.98
CA ALA A 111 -3.21 -3.12 -21.92
C ALA A 111 -2.74 -2.57 -20.57
N TYR A 112 -3.39 -1.53 -20.05
CA TYR A 112 -3.07 -0.98 -18.74
C TYR A 112 -3.23 -2.04 -17.64
N VAL A 113 -4.36 -2.76 -17.56
CA VAL A 113 -4.52 -3.79 -16.52
C VAL A 113 -3.51 -4.93 -16.67
N LEU A 114 -3.07 -5.28 -17.89
CA LEU A 114 -1.97 -6.23 -18.05
C LEU A 114 -0.66 -5.68 -17.48
N ARG A 115 -0.27 -4.43 -17.80
CA ARG A 115 0.92 -3.80 -17.23
C ARG A 115 0.85 -3.78 -15.71
N LEU A 116 -0.29 -3.37 -15.19
CA LEU A 116 -0.54 -3.27 -13.77
C LEU A 116 -0.42 -4.63 -13.09
N GLU A 117 -0.89 -5.71 -13.70
CA GLU A 117 -0.74 -7.03 -13.12
C GLU A 117 0.73 -7.44 -12.96
N THR A 118 1.62 -7.02 -13.85
CA THR A 118 3.06 -7.27 -13.64
C THR A 118 3.57 -6.60 -12.37
N LEU A 119 3.17 -5.36 -12.12
CA LEU A 119 3.56 -4.67 -10.89
C LEU A 119 3.00 -5.36 -9.66
N LEU A 120 1.76 -5.86 -9.71
CA LEU A 120 1.21 -6.60 -8.59
C LEU A 120 2.03 -7.86 -8.30
N ARG A 121 2.43 -8.63 -9.32
CA ARG A 121 3.30 -9.81 -9.10
C ARG A 121 4.62 -9.44 -8.47
N ARG A 122 5.22 -8.31 -8.87
CA ARG A 122 6.44 -7.77 -8.27
C ARG A 122 6.23 -7.52 -6.78
N ALA A 123 5.17 -6.82 -6.42
CA ALA A 123 4.86 -6.49 -5.03
C ALA A 123 4.57 -7.72 -4.17
N VAL A 124 3.87 -8.72 -4.71
CA VAL A 124 3.62 -10.01 -4.02
C VAL A 124 4.92 -10.77 -3.77
N GLU A 125 5.86 -10.83 -4.73
CA GLU A 125 7.16 -11.45 -4.50
C GLU A 125 7.98 -10.72 -3.43
N LYS A 126 7.87 -9.39 -3.30
CA LYS A 126 8.46 -8.64 -2.16
C LYS A 126 7.66 -8.76 -0.86
N ARG A 127 6.58 -9.55 -0.82
CA ARG A 127 5.64 -9.69 0.32
C ARG A 127 5.09 -8.34 0.80
N ALA A 128 4.87 -7.42 -0.13
CA ALA A 128 4.29 -6.10 0.10
C ALA A 128 2.75 -6.06 -0.03
N ILE A 129 2.15 -7.11 -0.58
CA ILE A 129 0.69 -7.30 -0.69
C ILE A 129 0.38 -8.76 -0.31
N PRO A 130 -0.58 -9.04 0.59
CA PRO A 130 -1.07 -10.39 0.82
C PRO A 130 -1.91 -10.87 -0.37
N ARG A 131 -1.66 -12.07 -0.90
CA ARG A 131 -2.34 -12.60 -2.11
C ARG A 131 -3.85 -12.59 -2.01
N ASN A 132 -4.38 -12.84 -0.81
CA ASN A 132 -5.81 -12.86 -0.50
C ASN A 132 -6.53 -11.50 -0.64
N ILE A 133 -5.82 -10.38 -0.90
CA ILE A 133 -6.43 -9.09 -1.25
C ILE A 133 -6.03 -8.58 -2.64
N ALA A 134 -5.30 -9.37 -3.43
CA ALA A 134 -4.80 -8.97 -4.74
C ALA A 134 -5.90 -8.52 -5.71
N ASP A 135 -7.00 -9.25 -5.72
CA ASP A 135 -8.21 -8.92 -6.45
C ASP A 135 -8.77 -7.53 -6.10
N GLN A 136 -8.87 -7.20 -4.81
CA GLN A 136 -9.33 -5.89 -4.35
C GLN A 136 -8.44 -4.79 -4.92
N VAL A 137 -7.13 -4.92 -4.72
CA VAL A 137 -6.19 -3.89 -5.16
C VAL A 137 -6.06 -3.83 -6.68
N ARG A 138 -6.40 -4.90 -7.42
CA ARG A 138 -6.62 -4.79 -8.87
C ARG A 138 -7.78 -3.86 -9.14
N LEU A 139 -9.01 -4.22 -8.75
CA LEU A 139 -10.20 -3.47 -9.13
C LEU A 139 -10.08 -2.01 -8.68
N GLU A 140 -9.65 -1.78 -7.45
CA GLU A 140 -9.47 -0.45 -6.87
C GLU A 140 -8.35 0.34 -7.57
N GLN A 141 -7.20 -0.27 -7.88
CA GLN A 141 -6.15 0.47 -8.58
C GLN A 141 -6.55 0.76 -10.02
N VAL A 142 -7.25 -0.15 -10.70
CA VAL A 142 -7.81 0.10 -12.03
C VAL A 142 -8.75 1.29 -11.96
N MET A 143 -9.76 1.27 -11.08
CA MET A 143 -10.71 2.38 -10.96
C MET A 143 -10.05 3.71 -10.58
N ALA A 144 -9.03 3.70 -9.74
CA ALA A 144 -8.34 4.92 -9.31
C ALA A 144 -7.38 5.48 -10.37
N GLY A 145 -6.62 4.61 -11.05
CA GLY A 145 -5.54 5.00 -11.94
C GLY A 145 -5.92 5.08 -13.41
N ALA A 146 -6.96 4.38 -13.86
CA ALA A 146 -7.45 4.45 -15.23
C ALA A 146 -8.12 5.81 -15.54
N ASN A 147 -8.23 6.14 -16.83
CA ASN A 147 -9.10 7.22 -17.33
C ASN A 147 -10.49 6.70 -17.73
N LEU A 148 -10.89 5.51 -17.26
CA LEU A 148 -12.19 4.90 -17.58
C LEU A 148 -13.38 5.71 -17.04
N GLY A 149 -14.57 5.43 -17.54
CA GLY A 149 -15.81 6.11 -17.13
C GLY A 149 -17.07 5.33 -17.51
N ASN A 150 -18.23 5.96 -17.32
CA ASN A 150 -19.51 5.53 -17.87
C ASN A 150 -19.86 4.06 -17.53
N VAL A 151 -20.49 3.30 -18.44
CA VAL A 151 -20.96 1.93 -18.16
C VAL A 151 -19.84 0.95 -17.80
N LEU A 152 -18.60 1.22 -18.24
CA LEU A 152 -17.42 0.47 -17.81
C LEU A 152 -17.14 0.69 -16.32
N TRP A 153 -17.17 1.94 -15.85
CA TRP A 153 -17.10 2.24 -14.42
C TRP A 153 -18.22 1.52 -13.68
N CYS A 154 -19.45 1.57 -14.18
CA CYS A 154 -20.60 0.89 -13.57
C CYS A 154 -20.38 -0.63 -13.43
N ARG A 155 -19.88 -1.29 -14.48
CA ARG A 155 -19.64 -2.74 -14.48
C ARG A 155 -18.53 -3.13 -13.49
N LEU A 156 -17.47 -2.34 -13.40
CA LEU A 156 -16.41 -2.57 -12.42
C LEU A 156 -16.88 -2.29 -10.98
N GLN A 157 -17.65 -1.23 -10.77
CA GLN A 157 -18.25 -0.89 -9.48
C GLN A 157 -19.26 -1.95 -9.02
N GLU A 158 -20.05 -2.50 -9.95
CA GLU A 158 -20.88 -3.67 -9.70
C GLU A 158 -20.02 -4.85 -9.22
N LEU A 159 -18.98 -5.23 -9.96
CA LEU A 159 -18.10 -6.34 -9.59
C LEU A 159 -17.41 -6.13 -8.24
N LYS A 160 -17.00 -4.90 -7.93
CA LYS A 160 -16.40 -4.52 -6.65
C LYS A 160 -17.35 -4.80 -5.48
N ASP A 161 -18.66 -4.64 -5.70
CA ASP A 161 -19.71 -4.97 -4.72
C ASP A 161 -20.26 -6.41 -4.85
N GLN A 162 -20.05 -7.12 -5.94
CA GLN A 162 -20.58 -8.45 -6.26
C GLN A 162 -20.36 -9.51 -5.20
N GLY A 163 -19.17 -9.53 -4.60
CA GLY A 163 -18.75 -10.59 -3.69
C GLY A 163 -17.54 -11.36 -4.23
N PRO A 164 -17.73 -12.42 -5.05
CA PRO A 164 -16.64 -13.11 -5.72
C PRO A 164 -15.99 -12.19 -6.77
N LEU A 165 -14.83 -11.64 -6.43
CA LEU A 165 -14.10 -10.71 -7.29
C LEU A 165 -13.37 -11.43 -8.45
N PRO A 166 -13.15 -10.74 -9.58
CA PRO A 166 -12.46 -11.32 -10.74
C PRO A 166 -11.03 -11.80 -10.45
N THR A 167 -10.64 -12.96 -10.98
CA THR A 167 -9.22 -13.23 -11.28
C THR A 167 -8.79 -12.42 -12.50
N PHE A 168 -7.49 -12.27 -12.73
CA PHE A 168 -6.96 -11.41 -13.81
C PHE A 168 -7.47 -11.79 -15.20
N LEU A 169 -7.50 -13.09 -15.54
CA LEU A 169 -8.02 -13.56 -16.84
C LEU A 169 -9.52 -13.27 -17.00
N GLN A 170 -10.31 -13.39 -15.93
CA GLN A 170 -11.73 -13.05 -15.95
C GLN A 170 -11.95 -11.53 -16.05
N LEU A 171 -11.15 -10.75 -15.32
CA LEU A 171 -11.17 -9.29 -15.40
C LEU A 171 -10.87 -8.83 -16.82
N MET A 172 -9.88 -9.45 -17.45
CA MET A 172 -9.58 -9.21 -18.86
C MET A 172 -10.73 -9.66 -19.76
N LYS A 173 -11.38 -10.81 -19.51
CA LYS A 173 -12.55 -11.23 -20.29
C LYS A 173 -13.64 -10.17 -20.27
N VAL A 174 -13.96 -9.64 -19.10
CA VAL A 174 -14.87 -8.50 -18.94
C VAL A 174 -14.36 -7.26 -19.69
N ILE A 175 -13.12 -6.83 -19.45
CA ILE A 175 -12.60 -5.59 -20.05
C ILE A 175 -12.53 -5.69 -21.58
N ARG A 176 -12.23 -6.86 -22.15
CA ARG A 176 -12.29 -7.10 -23.60
C ARG A 176 -13.72 -7.01 -24.13
N GLU A 177 -14.69 -7.56 -23.41
CA GLU A 177 -16.11 -7.41 -23.74
C GLU A 177 -16.61 -5.96 -23.66
N GLU A 178 -15.88 -5.03 -23.03
CA GLU A 178 -16.12 -3.59 -23.07
C GLU A 178 -15.21 -2.84 -24.08
N GLU A 179 -14.07 -3.42 -24.46
CA GLU A 179 -13.18 -2.88 -25.49
C GLU A 179 -13.84 -2.97 -26.88
N GLU A 180 -14.66 -3.99 -27.15
CA GLU A 180 -15.46 -4.11 -28.37
C GLU A 180 -16.49 -2.97 -28.50
N LEU B 1 -20.00 25.69 50.92
CA LEU B 1 -19.88 25.54 49.47
C LEU B 1 -18.44 25.81 48.96
N LEU B 2 -18.10 25.22 47.81
CA LEU B 2 -16.76 25.24 47.21
C LEU B 2 -16.89 24.87 45.70
N PRO B 3 -16.30 25.62 44.75
CA PRO B 3 -16.33 25.29 43.32
C PRO B 3 -15.66 23.95 42.95
N VAL B 4 -16.17 23.25 41.92
CA VAL B 4 -15.44 22.11 41.33
C VAL B 4 -15.49 22.16 39.80
N LYS B 5 -14.59 21.51 39.11
CA LYS B 5 -14.48 21.42 37.66
C LYS B 5 -15.76 20.86 37.08
N TYR B 6 -16.15 21.21 35.87
CA TYR B 6 -17.51 20.99 35.33
C TYR B 6 -17.45 20.52 33.88
N CYS B 7 -17.26 19.23 33.66
CA CYS B 7 -16.93 18.69 32.34
C CYS B 7 -18.17 18.50 31.45
N LYS B 8 -18.27 19.31 30.39
CA LYS B 8 -19.42 19.42 29.49
C LYS B 8 -19.62 18.20 28.59
N MET B 9 -20.87 17.84 28.30
CA MET B 9 -21.24 16.75 27.38
C MET B 9 -20.77 17.04 25.94
N ARG B 10 -20.29 16.04 25.20
CA ARG B 10 -19.86 16.25 23.81
C ARG B 10 -21.05 16.16 22.87
N ILE B 11 -21.24 17.15 22.00
CA ILE B 11 -22.39 17.21 21.10
C ILE B 11 -21.97 16.89 19.67
N PHE B 12 -22.77 16.07 18.98
CA PHE B 12 -22.62 15.78 17.56
C PHE B 12 -23.87 16.17 16.77
N SER B 13 -23.69 16.51 15.49
CA SER B 13 -24.77 17.06 14.68
C SER B 13 -24.86 16.53 13.26
N GLY B 14 -23.74 16.22 12.61
CA GLY B 14 -23.73 15.89 11.18
C GLY B 14 -23.98 17.07 10.24
N SER B 15 -24.25 18.27 10.77
CA SER B 15 -24.37 19.50 9.98
C SER B 15 -23.05 19.82 9.25
N THR B 16 -23.13 20.27 8.00
CA THR B 16 -21.95 20.68 7.23
C THR B 16 -21.34 21.96 7.77
N ALA B 17 -22.16 22.95 8.10
CA ALA B 17 -21.80 24.15 8.86
C ALA B 17 -21.73 23.86 10.36
N ALA B 18 -20.90 22.90 10.76
CA ALA B 18 -20.77 22.46 12.15
C ALA B 18 -20.35 23.63 13.06
N ALA B 19 -21.00 23.76 14.22
CA ALA B 19 -20.61 24.77 15.21
C ALA B 19 -19.23 24.45 15.79
N PRO B 20 -18.45 25.44 16.27
CA PRO B 20 -17.11 25.19 16.83
C PRO B 20 -17.09 24.19 18.00
N GLU B 21 -18.17 24.12 18.79
CA GLU B 21 -18.29 23.17 19.89
C GLU B 21 -18.62 21.73 19.47
N GLU B 22 -19.08 21.48 18.24
CA GLU B 22 -19.50 20.15 17.80
C GLU B 22 -18.29 19.29 17.44
N GLU B 23 -18.25 18.05 17.90
CA GLU B 23 -17.12 17.15 17.64
C GLU B 23 -17.14 16.55 16.22
N PRO B 24 -16.01 16.10 15.68
CA PRO B 24 -16.00 15.09 14.64
C PRO B 24 -16.59 13.78 15.16
N PHE B 25 -17.29 13.05 14.29
CA PHE B 25 -18.15 11.94 14.69
C PHE B 25 -17.44 10.88 15.55
N GLU B 26 -16.18 10.56 15.26
CA GLU B 26 -15.44 9.50 15.97
C GLU B 26 -15.36 9.77 17.48
N VAL B 27 -15.15 11.02 17.87
CA VAL B 27 -15.05 11.42 19.26
C VAL B 27 -16.40 11.23 19.95
N TRP B 28 -17.48 11.64 19.29
CA TRP B 28 -18.82 11.40 19.81
C TRP B 28 -19.12 9.92 19.93
N LEU B 29 -18.73 9.12 18.94
CA LEU B 29 -18.97 7.68 18.98
C LEU B 29 -18.28 7.02 20.17
N GLU B 30 -17.12 7.51 20.61
CA GLU B 30 -16.52 7.03 21.86
C GLU B 30 -17.43 7.33 23.06
N GLN B 31 -17.97 8.53 23.16
CA GLN B 31 -18.88 8.88 24.25
C GLN B 31 -20.17 8.04 24.19
N ALA B 32 -20.74 7.86 23.01
CA ALA B 32 -21.96 7.09 22.85
C ALA B 32 -21.72 5.61 23.18
N THR B 33 -20.64 5.02 22.69
CA THR B 33 -20.30 3.63 23.02
C THR B 33 -20.02 3.43 24.51
N GLU B 34 -19.43 4.40 25.19
CA GLU B 34 -19.32 4.38 26.65
C GLU B 34 -20.71 4.34 27.30
N ILE B 35 -21.66 5.18 26.87
CA ILE B 35 -23.02 5.16 27.40
C ILE B 35 -23.71 3.82 27.08
N ALA B 36 -23.48 3.26 25.90
CA ALA B 36 -24.07 2.00 25.50
C ALA B 36 -23.54 0.81 26.32
N LYS B 37 -22.22 0.68 26.45
CA LYS B 37 -21.54 -0.49 27.02
C LYS B 37 -21.29 -0.38 28.51
N GLU B 38 -20.78 0.75 28.97
CA GLU B 38 -20.13 0.85 30.29
C GLU B 38 -21.05 1.40 31.37
N TRP B 39 -22.00 2.27 31.04
CA TRP B 39 -22.91 2.83 32.03
C TRP B 39 -23.84 1.73 32.59
N PRO B 40 -24.23 1.78 33.88
CA PRO B 40 -25.02 0.72 34.51
C PRO B 40 -26.53 0.81 34.23
N ILE B 41 -27.01 1.99 33.86
CA ILE B 41 -28.42 2.37 33.80
C ILE B 41 -29.21 1.60 32.72
N PRO B 42 -30.55 1.41 32.86
CA PRO B 42 -31.35 0.63 31.91
C PRO B 42 -31.36 1.15 30.48
N GLU B 43 -31.58 0.28 29.49
CA GLU B 43 -31.39 0.65 28.08
C GLU B 43 -32.30 1.78 27.59
N ALA B 44 -33.53 1.90 28.09
CA ALA B 44 -34.38 3.03 27.76
C ALA B 44 -33.77 4.38 28.22
N GLU B 45 -33.20 4.41 29.42
CA GLU B 45 -32.48 5.59 29.90
C GLU B 45 -31.14 5.78 29.18
N LYS B 46 -30.45 4.71 28.76
CA LYS B 46 -29.30 4.86 27.84
C LYS B 46 -29.71 5.53 26.54
N LYS B 47 -30.82 5.14 25.91
CA LYS B 47 -31.33 5.81 24.69
C LYS B 47 -31.53 7.30 24.94
N ARG B 48 -32.09 7.67 26.09
CA ARG B 48 -32.24 9.08 26.47
C ARG B 48 -30.89 9.78 26.59
N TRP B 49 -29.94 9.28 27.37
CA TRP B 49 -28.63 9.95 27.51
C TRP B 49 -27.80 9.94 26.23
N VAL B 50 -27.97 8.99 25.31
CA VAL B 50 -27.43 9.12 23.96
C VAL B 50 -28.12 10.28 23.24
N ALA B 51 -29.45 10.34 23.20
CA ALA B 51 -30.18 11.37 22.47
C ALA B 51 -29.85 12.80 22.93
N GLU B 52 -29.66 13.02 24.23
CA GLU B 52 -29.26 14.32 24.78
C GLU B 52 -27.93 14.86 24.22
N SER B 53 -27.11 14.03 23.58
CA SER B 53 -25.83 14.44 22.98
C SER B 53 -25.92 14.78 21.48
N LEU B 54 -27.11 14.80 20.89
CA LEU B 54 -27.32 15.01 19.45
C LEU B 54 -28.19 16.25 19.15
N ARG B 55 -27.91 16.96 18.06
CA ARG B 55 -28.79 18.03 17.56
C ARG B 55 -28.75 18.22 16.05
N GLY B 56 -29.83 18.68 15.45
CA GLY B 56 -29.93 18.77 13.99
C GLY B 56 -29.96 17.38 13.33
N PRO B 57 -29.35 17.18 12.15
CA PRO B 57 -29.51 15.96 11.36
C PRO B 57 -29.28 14.67 12.13
N ALA B 58 -28.24 14.60 12.96
CA ALA B 58 -27.96 13.41 13.73
C ALA B 58 -29.06 13.06 14.75
N LEU B 59 -29.79 14.04 15.29
CA LEU B 59 -30.92 13.74 16.16
C LEU B 59 -32.09 13.19 15.36
N ASP B 60 -32.33 13.68 14.15
CA ASP B 60 -33.39 13.14 13.29
C ASP B 60 -33.17 11.64 13.04
N LEU B 61 -31.93 11.22 12.88
CA LEU B 61 -31.62 9.80 12.70
C LEU B 61 -31.97 8.98 13.93
N MET B 62 -31.81 9.51 15.14
CA MET B 62 -32.26 8.80 16.34
C MET B 62 -33.76 8.54 16.31
N HIS B 63 -34.55 9.54 15.90
CA HIS B 63 -35.99 9.39 15.77
C HIS B 63 -36.37 8.43 14.65
N ILE B 64 -35.75 8.53 13.46
CA ILE B 64 -36.00 7.61 12.36
C ILE B 64 -35.72 6.17 12.76
N VAL B 65 -34.55 5.92 13.35
CA VAL B 65 -34.12 4.56 13.70
C VAL B 65 -34.97 3.97 14.81
N GLN B 66 -35.42 4.77 15.79
CA GLN B 66 -36.41 4.27 16.75
C GLN B 66 -37.78 4.03 16.10
N ALA B 67 -38.21 4.84 15.14
CA ALA B 67 -39.51 4.68 14.47
C ALA B 67 -39.59 3.38 13.65
N ASP B 68 -38.50 2.93 13.04
CA ASP B 68 -38.43 1.62 12.39
C ASP B 68 -38.61 0.45 13.37
N ASN B 69 -38.15 0.58 14.61
CA ASN B 69 -38.15 -0.51 15.57
C ASN B 69 -38.04 -0.03 17.04
N PRO B 70 -39.16 0.12 17.77
CA PRO B 70 -39.13 0.50 19.18
C PRO B 70 -38.38 -0.47 20.10
N SER B 71 -38.12 -1.70 19.67
CA SER B 71 -37.33 -2.70 20.44
C SER B 71 -35.81 -2.61 20.21
N ILE B 72 -35.33 -1.73 19.33
CA ILE B 72 -33.93 -1.67 18.92
C ILE B 72 -32.96 -1.46 20.09
N SER B 73 -31.78 -2.08 20.04
CA SER B 73 -30.72 -1.83 21.02
C SER B 73 -29.98 -0.53 20.75
N VAL B 74 -29.34 0.05 21.77
CA VAL B 74 -28.44 1.19 21.55
C VAL B 74 -27.30 0.78 20.62
N GLY B 75 -26.77 -0.44 20.73
CA GLY B 75 -25.73 -0.93 19.83
C GLY B 75 -26.15 -0.85 18.36
N GLU B 76 -27.33 -1.35 18.03
CA GLU B 76 -27.87 -1.25 16.67
C GLU B 76 -28.11 0.21 16.22
N CYS B 77 -28.50 1.11 17.13
CA CYS B 77 -28.56 2.53 16.80
C CYS B 77 -27.17 3.02 16.37
N LEU B 78 -26.14 2.71 17.14
CA LEU B 78 -24.78 3.11 16.82
C LEU B 78 -24.30 2.48 15.52
N GLU B 79 -24.73 1.26 15.17
CA GLU B 79 -24.48 0.73 13.82
C GLU B 79 -25.13 1.61 12.73
N ALA B 80 -26.35 2.11 12.94
CA ALA B 80 -26.96 3.04 11.99
C ALA B 80 -26.19 4.36 11.90
N PHE B 81 -25.77 4.93 13.03
CA PHE B 81 -24.94 6.14 13.04
C PHE B 81 -23.61 5.91 12.31
N LYS B 82 -22.94 4.79 12.56
CA LYS B 82 -21.70 4.42 11.86
C LYS B 82 -21.95 4.37 10.35
N GLN B 83 -23.01 3.77 9.89
CA GLN B 83 -23.39 3.60 8.49
C GLN B 83 -23.62 4.94 7.82
N VAL B 84 -24.33 5.83 8.51
CA VAL B 84 -24.70 7.15 7.98
C VAL B 84 -23.54 8.14 8.01
N PHE B 85 -22.84 8.28 9.14
CA PHE B 85 -21.86 9.34 9.39
C PHE B 85 -20.39 8.87 9.41
N GLY B 86 -20.13 7.59 9.67
CA GLY B 86 -18.76 7.05 9.67
C GLY B 86 -18.06 7.20 8.32
N SER B 87 -16.75 7.40 8.32
CA SER B 87 -16.01 7.73 7.09
C SER B 87 -15.96 6.58 6.09
N THR B 88 -15.99 6.90 4.79
CA THR B 88 -16.09 5.97 3.66
C THR B 88 -14.71 5.56 3.10
N GLU B 89 -13.73 5.31 3.97
CA GLU B 89 -12.40 4.89 3.53
C GLU B 89 -12.38 3.48 2.93
N SER B 90 -11.72 3.34 1.78
CA SER B 90 -11.42 2.07 1.10
C SER B 90 -10.01 1.59 1.41
N ARG B 91 -9.67 0.32 1.12
CA ARG B 91 -8.28 -0.14 1.25
C ARG B 91 -7.33 0.70 0.40
N ARG B 92 -7.62 0.96 -0.88
CA ARG B 92 -6.82 1.88 -1.72
C ARG B 92 -6.65 3.26 -1.07
N THR B 93 -7.71 3.92 -0.60
CA THR B 93 -7.58 5.30 -0.13
C THR B 93 -6.95 5.38 1.25
N SER B 94 -7.18 4.43 2.13
CA SER B 94 -6.45 4.37 3.41
C SER B 94 -4.96 4.11 3.20
N GLN B 95 -4.60 3.20 2.33
CA GLN B 95 -3.25 2.87 1.92
C GLN B 95 -2.52 4.06 1.32
N VAL B 96 -3.17 4.77 0.39
CA VAL B 96 -2.58 5.93 -0.27
C VAL B 96 -2.44 7.10 0.70
N LYS B 97 -3.46 7.43 1.48
CA LYS B 97 -3.38 8.52 2.46
C LYS B 97 -2.26 8.26 3.46
N TYR B 98 -2.11 7.03 3.91
CA TYR B 98 -1.01 6.68 4.79
C TYR B 98 0.35 6.89 4.14
N LEU B 99 0.60 6.27 2.98
CA LEU B 99 1.90 6.29 2.31
C LEU B 99 2.28 7.69 1.81
N ARG B 100 1.30 8.50 1.40
CA ARG B 100 1.47 9.89 0.95
C ARG B 100 1.68 10.89 2.09
N THR B 101 1.62 10.49 3.36
CA THR B 101 1.75 11.40 4.51
C THR B 101 3.21 11.68 4.88
N TYR B 102 3.74 12.82 4.43
CA TYR B 102 5.08 13.33 4.79
C TYR B 102 5.04 14.29 5.97
N GLN B 103 6.18 14.50 6.62
CA GLN B 103 6.41 15.62 7.53
C GLN B 103 6.38 16.93 6.72
N GLN B 104 5.63 17.92 7.17
CA GLN B 104 5.28 19.09 6.37
C GLN B 104 5.56 20.38 7.13
N GLU B 105 5.78 21.48 6.41
CA GLU B 105 5.80 22.88 6.90
C GLU B 105 6.73 23.22 8.09
N GLY B 106 7.66 22.34 8.46
CA GLY B 106 8.46 22.49 9.67
C GLY B 106 7.77 22.01 10.97
N GLU B 107 6.84 21.05 10.90
CA GLU B 107 6.40 20.29 12.07
C GLU B 107 7.57 19.73 12.89
N LYS B 108 7.41 19.63 14.22
CA LYS B 108 8.23 18.72 15.02
C LYS B 108 8.17 17.30 14.46
N ILE B 109 9.29 16.58 14.39
CA ILE B 109 9.31 15.20 13.91
C ILE B 109 8.49 14.27 14.82
N SER B 110 8.47 14.51 16.13
CA SER B 110 7.55 13.85 17.06
C SER B 110 6.09 14.12 16.68
N ALA B 111 5.71 15.37 16.43
CA ALA B 111 4.34 15.71 16.04
C ALA B 111 3.95 15.06 14.72
N TYR B 112 4.90 14.92 13.79
CA TYR B 112 4.69 14.17 12.56
C TYR B 112 4.44 12.68 12.84
N VAL B 113 5.29 11.97 13.58
CA VAL B 113 5.05 10.54 13.80
C VAL B 113 3.78 10.30 14.61
N LEU B 114 3.33 11.21 15.46
CA LEU B 114 1.99 11.16 16.06
C LEU B 114 0.90 11.27 15.00
N ARG B 115 0.93 12.30 14.15
CA ARG B 115 -0.07 12.50 13.10
C ARG B 115 -0.17 11.26 12.22
N LEU B 116 0.98 10.73 11.84
CA LEU B 116 1.12 9.52 11.07
C LEU B 116 0.51 8.30 11.78
N GLU B 117 0.77 8.11 13.07
CA GLU B 117 0.28 6.95 13.79
C GLU B 117 -1.24 6.89 13.84
N THR B 118 -1.94 8.03 13.86
CA THR B 118 -3.41 8.01 13.80
C THR B 118 -3.92 7.33 12.53
N LEU B 119 -3.27 7.58 11.39
CA LEU B 119 -3.61 6.98 10.11
C LEU B 119 -3.24 5.51 10.07
N LEU B 120 -2.13 5.11 10.70
CA LEU B 120 -1.80 3.69 10.76
C LEU B 120 -2.84 2.91 11.56
N ARG B 121 -3.37 3.44 12.66
CA ARG B 121 -4.46 2.77 13.38
C ARG B 121 -5.71 2.64 12.50
N ARG B 122 -6.07 3.70 11.77
CA ARG B 122 -7.16 3.68 10.78
C ARG B 122 -6.97 2.54 9.80
N ALA B 123 -5.79 2.45 9.18
CA ALA B 123 -5.48 1.44 8.19
C ALA B 123 -5.42 0.02 8.77
N VAL B 124 -4.92 -0.16 9.99
CA VAL B 124 -4.89 -1.47 10.65
C VAL B 124 -6.28 -1.99 10.98
N GLU B 125 -7.24 -1.14 11.39
CA GLU B 125 -8.62 -1.61 11.61
C GLU B 125 -9.36 -1.99 10.31
N LYS B 126 -8.97 -1.44 9.16
CA LYS B 126 -9.40 -1.94 7.84
C LYS B 126 -8.65 -3.20 7.38
N ARG B 127 -7.64 -3.65 8.13
CA ARG B 127 -6.56 -4.58 7.71
C ARG B 127 -5.85 -4.19 6.40
N ALA B 128 -5.95 -2.92 6.01
CA ALA B 128 -5.26 -2.33 4.87
C ALA B 128 -3.73 -2.36 5.05
N ILE B 129 -3.25 -2.55 6.28
CA ILE B 129 -1.90 -3.01 6.61
C ILE B 129 -2.04 -4.35 7.35
N PRO B 130 -1.19 -5.37 7.10
CA PRO B 130 -1.17 -6.58 7.91
C PRO B 130 -0.64 -6.28 9.32
N ARG B 131 -1.39 -6.63 10.36
CA ARG B 131 -1.12 -6.15 11.73
C ARG B 131 0.27 -6.54 12.25
N ASN B 132 0.74 -7.72 11.84
CA ASN B 132 2.06 -8.26 12.17
C ASN B 132 3.25 -7.46 11.61
N ILE B 133 3.02 -6.51 10.69
CA ILE B 133 4.06 -5.64 10.11
C ILE B 133 3.76 -4.15 10.31
N ALA B 134 2.80 -3.78 11.15
CA ALA B 134 2.45 -2.38 11.39
C ALA B 134 3.68 -1.56 11.84
N ASP B 135 4.49 -2.12 12.71
CA ASP B 135 5.78 -1.56 13.12
C ASP B 135 6.78 -1.42 11.96
N GLN B 136 6.87 -2.41 11.06
CA GLN B 136 7.71 -2.27 9.87
C GLN B 136 7.26 -1.10 9.02
N VAL B 137 5.98 -1.03 8.65
CA VAL B 137 5.53 0.07 7.78
C VAL B 137 5.61 1.40 8.49
N ARG B 138 5.47 1.45 9.82
CA ARG B 138 5.72 2.67 10.59
C ARG B 138 7.16 3.12 10.44
N LEU B 139 8.13 2.26 10.72
CA LEU B 139 9.54 2.63 10.59
C LEU B 139 9.83 3.08 9.16
N GLU B 140 9.40 2.29 8.17
CA GLU B 140 9.63 2.65 6.78
C GLU B 140 8.96 3.97 6.40
N GLN B 141 7.72 4.22 6.82
CA GLN B 141 7.03 5.45 6.49
C GLN B 141 7.63 6.66 7.20
N VAL B 142 8.12 6.51 8.43
CA VAL B 142 8.89 7.56 9.11
C VAL B 142 10.19 7.81 8.37
N MET B 143 10.98 6.77 8.10
CA MET B 143 12.29 6.91 7.46
C MET B 143 12.17 7.48 6.03
N ALA B 144 11.08 7.21 5.32
CA ALA B 144 10.78 7.79 4.02
C ALA B 144 10.18 9.20 4.11
N GLY B 145 9.33 9.45 5.12
CA GLY B 145 8.44 10.61 5.16
C GLY B 145 8.90 11.76 6.05
N ALA B 146 9.79 11.52 7.00
CA ALA B 146 10.37 12.53 7.89
C ALA B 146 11.59 13.25 7.28
N ASN B 147 11.92 14.43 7.81
CA ASN B 147 13.21 15.08 7.58
C ASN B 147 14.38 14.36 8.31
N LEU B 148 14.06 13.70 9.43
CA LEU B 148 14.81 12.64 10.10
C LEU B 148 16.19 13.02 10.72
N GLY B 149 17.21 13.25 9.90
CA GLY B 149 18.60 13.47 10.35
C GLY B 149 19.40 12.17 10.55
N ASN B 150 20.71 12.23 10.30
CA ASN B 150 21.56 11.06 10.04
C ASN B 150 21.65 10.07 11.21
N VAL B 151 21.93 10.56 12.43
CA VAL B 151 22.09 9.69 13.61
C VAL B 151 20.78 8.99 14.00
N LEU B 152 19.62 9.64 13.77
CA LEU B 152 18.32 8.99 13.93
C LEU B 152 18.15 7.85 12.91
N TRP B 153 18.49 8.13 11.65
CA TRP B 153 18.42 7.16 10.56
C TRP B 153 19.25 5.92 10.89
N CYS B 154 20.50 6.10 11.30
CA CYS B 154 21.37 5.02 11.75
C CYS B 154 20.75 4.22 12.90
N ARG B 155 20.16 4.88 13.90
CA ARG B 155 19.57 4.21 15.07
C ARG B 155 18.33 3.39 14.73
N LEU B 156 17.40 3.95 13.95
CA LEU B 156 16.20 3.21 13.54
C LEU B 156 16.57 2.04 12.62
N GLN B 157 17.47 2.26 11.67
CA GLN B 157 17.98 1.27 10.74
C GLN B 157 18.72 0.17 11.46
N GLU B 158 19.46 0.52 12.51
CA GLU B 158 20.08 -0.45 13.42
C GLU B 158 19.02 -1.32 14.12
N LEU B 159 18.00 -0.72 14.73
CA LEU B 159 16.94 -1.47 15.41
C LEU B 159 16.17 -2.37 14.43
N LYS B 160 15.89 -1.87 13.23
CA LYS B 160 15.23 -2.63 12.15
C LYS B 160 16.08 -3.81 11.70
N ASP B 161 17.38 -3.59 11.51
CA ASP B 161 18.33 -4.62 11.07
C ASP B 161 18.61 -5.68 12.16
N GLN B 162 18.78 -5.25 13.38
CA GLN B 162 19.03 -6.05 14.57
C GLN B 162 17.88 -7.00 14.81
N GLY B 163 16.67 -6.56 14.60
CA GLY B 163 15.46 -7.24 14.87
C GLY B 163 14.47 -6.64 15.79
N PRO B 164 14.88 -5.84 16.81
CA PRO B 164 13.96 -5.25 17.78
C PRO B 164 13.09 -4.14 17.22
N LEU B 165 11.95 -4.48 16.60
CA LEU B 165 11.14 -3.45 15.96
C LEU B 165 10.38 -2.61 17.01
N PRO B 166 10.54 -1.27 17.03
CA PRO B 166 9.95 -0.42 18.05
C PRO B 166 8.41 -0.47 18.14
N THR B 167 7.89 -0.40 19.36
CA THR B 167 6.56 0.17 19.63
C THR B 167 6.57 1.67 19.33
N PHE B 168 5.38 2.27 19.19
CA PHE B 168 5.26 3.71 18.95
C PHE B 168 5.93 4.54 20.04
N LEU B 169 5.80 4.16 21.32
CA LEU B 169 6.43 4.87 22.42
C LEU B 169 7.96 4.80 22.34
N GLN B 170 8.55 3.63 22.04
CA GLN B 170 10.00 3.53 21.90
C GLN B 170 10.52 4.38 20.74
N LEU B 171 9.80 4.35 19.60
CA LEU B 171 10.11 5.19 18.45
C LEU B 171 10.05 6.69 18.79
N MET B 172 9.04 7.10 19.55
CA MET B 172 8.90 8.46 20.04
C MET B 172 10.05 8.88 20.96
N LYS B 173 10.48 8.01 21.89
CA LYS B 173 11.61 8.29 22.78
C LYS B 173 12.86 8.62 21.97
N VAL B 174 13.17 7.75 21.00
CA VAL B 174 14.33 7.92 20.13
C VAL B 174 14.22 9.21 19.31
N ILE B 175 13.03 9.51 18.78
CA ILE B 175 12.80 10.73 18.02
C ILE B 175 12.96 11.99 18.88
N ARG B 176 12.51 12.01 20.14
CA ARG B 176 12.74 13.15 21.03
C ARG B 176 14.23 13.39 21.26
N GLU B 177 15.00 12.34 21.52
CA GLU B 177 16.42 12.48 21.82
C GLU B 177 17.16 13.21 20.71
N GLU B 178 16.90 12.88 19.44
CA GLU B 178 17.52 13.57 18.29
C GLU B 178 16.80 14.88 17.90
N GLU B 179 15.54 15.08 18.30
CA GLU B 179 14.79 16.33 18.05
C GLU B 179 15.24 17.49 18.95
N GLU B 180 15.60 17.24 20.21
CA GLU B 180 16.05 18.27 21.16
C GLU B 180 17.36 18.92 20.71
#